data_2JH8
#
_entry.id   2JH8
#
_cell.length_a   75.055
_cell.length_b   75.055
_cell.length_c   419.834
_cell.angle_alpha   90.00
_cell.angle_beta   90.00
_cell.angle_gamma   120.00
#
_symmetry.space_group_name_H-M   'P 65 2 2'
#
loop_
_entity.id
_entity.type
_entity.pdbx_description
1 polymer 'VP4 CORE PROTEIN'
2 non-polymer "7N-METHYL-8-HYDROGUANOSINE-5'-DIPHOSPHATE"
3 non-polymer GUANINE
#
_entity_poly.entity_id   1
_entity_poly.type   'polypeptide(L)'
_entity_poly.pdbx_seq_one_letter_code
;MPEPHAVLYVTNELSHIVKDGFLPIWKLTGDESLNDLWLENGKYATDVYAYGDVSKWTIRQLRGHGFIFISTHKNVQLAD
IIKTVDVRIPREVARSHDMKAFENEIGRRRIRMRKGFGDALRNYAFKMAIEFHGSEAETLNDANPRLHKIYGMPEIPPLY
MEYAEIGTRFDDEPTDEKLVSMLDYIVYSAEEVHYIGCGDLRTLMQFKKRSPGRFRRVLWHVYDPIAPECSDPNVIVHNI
MVDSKKDILKHMNFLKRVERLFIWDVSSDRSQMNDHEWETTRFAEDRLGEEIAYEMGGAFSSALIKHRIPNSKDEYHCIS
TYLFPQPGADADMYELRNFMRLRGYSHVDRHMHPDASVTKVVSRDVRKMVELYHGRDRGRFLKKRLFEHLHIVRKNGLLH
ESDEPRADLFYLTNRCNMGLEPSIYEVMKKSVIATAWVGRAPLYDYDDFALPRSTVMLNGSYRDIRILDGNGAILFLMWR
YPDIVKKDLTYDPAWAMNFAVSLKEPIPDPPVPDISLCRFIGLRVESSVLRVRNPTLHETADELKRMGLDLSGHLYVTLM
SGAYVTDLFWWFKMILDWSAQNREQKLRDLKRSAAEVIEWKEQMAERPWHVRNDLIAALREYKRKMGMREGASIDSWLEL
LRHL
;
_entity_poly.pdbx_strand_id   A
#
# COMPACT_ATOMS: atom_id res chain seq x y z
N PRO A 2 15.53 -6.76 12.10
CA PRO A 2 16.62 -6.59 13.06
C PRO A 2 17.07 -7.91 13.65
N GLU A 3 16.15 -8.86 13.79
CA GLU A 3 16.47 -10.16 14.32
C GLU A 3 15.60 -11.16 13.59
N PRO A 4 14.31 -10.80 13.45
CA PRO A 4 13.28 -11.75 13.07
C PRO A 4 13.61 -12.49 11.76
N HIS A 5 13.41 -13.79 11.73
CA HIS A 5 13.70 -14.54 10.52
C HIS A 5 12.47 -15.11 9.95
N ALA A 6 12.62 -15.66 8.74
CA ALA A 6 11.68 -16.61 8.20
C ALA A 6 12.31 -18.02 8.21
N VAL A 7 11.46 -19.00 8.48
CA VAL A 7 11.76 -20.39 8.33
C VAL A 7 11.44 -20.73 6.86
N LEU A 8 12.44 -21.18 6.15
CA LEU A 8 12.25 -21.32 4.75
C LEU A 8 11.88 -22.74 4.51
N TYR A 9 10.62 -23.03 4.74
CA TYR A 9 10.14 -24.41 4.67
C TYR A 9 10.02 -24.97 3.26
N VAL A 10 10.91 -25.91 2.96
CA VAL A 10 10.99 -26.54 1.64
C VAL A 10 10.34 -27.93 1.77
N THR A 11 9.66 -28.41 0.73
CA THR A 11 9.11 -29.76 0.81
C THR A 11 10.18 -30.79 0.45
N ASN A 12 9.85 -32.05 0.68
CA ASN A 12 10.86 -33.09 0.71
C ASN A 12 11.73 -33.16 -0.53
N GLU A 13 11.08 -33.27 -1.68
CA GLU A 13 11.74 -33.55 -2.96
C GLU A 13 12.89 -32.60 -3.23
N LEU A 14 13.09 -31.66 -2.31
CA LEU A 14 13.95 -30.53 -2.51
C LEU A 14 15.09 -30.51 -1.54
N SER A 15 14.87 -31.15 -0.40
CA SER A 15 15.71 -31.03 0.79
C SER A 15 17.21 -31.01 0.57
N HIS A 16 17.67 -31.93 -0.28
CA HIS A 16 19.10 -32.20 -0.48
C HIS A 16 19.98 -31.03 -0.90
N ILE A 17 19.40 -30.07 -1.62
CA ILE A 17 20.17 -28.91 -2.08
C ILE A 17 20.47 -28.03 -0.89
N VAL A 18 19.41 -27.79 -0.12
CA VAL A 18 19.44 -26.92 1.01
C VAL A 18 20.71 -27.19 1.80
N LYS A 19 20.90 -28.46 2.13
CA LYS A 19 22.08 -28.96 2.83
C LYS A 19 23.42 -28.27 2.54
N ASP A 20 23.59 -27.79 1.32
CA ASP A 20 24.85 -27.19 0.85
C ASP A 20 24.98 -25.69 1.11
N GLY A 21 23.89 -25.08 1.61
CA GLY A 21 23.83 -23.63 1.86
C GLY A 21 24.86 -23.14 2.86
N PHE A 22 24.66 -21.93 3.36
CA PHE A 22 25.47 -21.44 4.47
C PHE A 22 24.54 -20.93 5.56
N LEU A 23 23.23 -20.95 5.27
CA LEU A 23 22.19 -20.69 6.26
C LEU A 23 21.93 -21.97 6.97
N PRO A 24 21.50 -21.86 8.23
CA PRO A 24 21.26 -23.05 9.00
C PRO A 24 20.03 -23.81 8.48
N ILE A 25 20.02 -25.11 8.77
CA ILE A 25 18.97 -26.01 8.34
C ILE A 25 18.25 -26.61 9.54
N TRP A 26 17.00 -26.21 9.77
CA TRP A 26 16.21 -26.80 10.84
C TRP A 26 15.53 -28.07 10.34
N LYS A 27 15.74 -29.17 11.07
CA LYS A 27 15.26 -30.45 10.62
C LYS A 27 14.12 -31.01 11.53
N LEU A 28 12.95 -31.32 10.94
CA LEU A 28 11.86 -32.12 11.56
C LEU A 28 11.65 -33.35 10.65
N THR A 29 10.77 -34.35 10.89
CA THR A 29 10.48 -35.12 12.13
C THR A 29 9.14 -34.96 12.89
N GLY A 30 8.15 -35.83 12.56
CA GLY A 30 6.80 -35.88 13.22
C GLY A 30 6.45 -35.33 14.62
N ASP A 31 6.92 -36.01 15.67
CA ASP A 31 7.19 -35.37 16.96
C ASP A 31 8.47 -34.62 16.59
N GLU A 32 8.58 -33.31 16.80
CA GLU A 32 8.20 -32.47 17.96
C GLU A 32 6.84 -32.42 18.62
N SER A 33 6.93 -32.02 19.88
CA SER A 33 5.88 -31.37 20.61
C SER A 33 5.78 -29.91 20.17
N LEU A 34 4.82 -29.19 20.77
CA LEU A 34 4.64 -27.77 20.53
C LEU A 34 5.86 -26.98 21.03
N ASN A 35 6.04 -26.99 22.36
CA ASN A 35 7.03 -26.15 23.00
C ASN A 35 8.38 -26.68 22.63
N ASP A 36 8.37 -27.64 21.73
CA ASP A 36 9.57 -28.09 21.06
C ASP A 36 9.93 -27.11 19.96
N LEU A 37 8.93 -26.77 19.15
CA LEU A 37 9.14 -25.87 18.02
C LEU A 37 9.58 -24.53 18.56
N TRP A 38 8.83 -24.03 19.53
CA TRP A 38 9.09 -22.71 20.09
C TRP A 38 10.51 -22.59 20.60
N LEU A 39 11.03 -23.64 21.20
CA LEU A 39 12.37 -23.54 21.75
C LEU A 39 13.42 -23.77 20.67
N GLU A 40 13.01 -24.45 19.60
CA GLU A 40 13.97 -24.75 18.57
C GLU A 40 14.09 -23.48 17.79
N ASN A 41 13.01 -23.15 17.10
CA ASN A 41 12.92 -22.01 16.23
C ASN A 41 13.57 -20.80 16.90
N GLY A 42 13.38 -20.68 18.21
CA GLY A 42 13.97 -19.59 18.98
C GLY A 42 15.47 -19.61 18.96
N LYS A 43 16.02 -20.55 18.19
CA LYS A 43 17.46 -20.74 18.18
C LYS A 43 18.13 -20.06 17.02
N TYR A 44 17.34 -19.70 16.02
CA TYR A 44 17.90 -19.12 14.82
C TYR A 44 17.89 -17.61 14.91
N ALA A 45 19.03 -17.00 14.57
CA ALA A 45 19.10 -15.53 14.48
C ALA A 45 18.98 -14.95 13.05
N THR A 46 19.24 -15.77 12.02
CA THR A 46 19.04 -15.38 10.62
C THR A 46 17.93 -16.26 10.12
N ASP A 47 17.48 -16.01 8.89
CA ASP A 47 16.52 -16.89 8.24
C ASP A 47 17.05 -18.32 8.27
N VAL A 48 16.13 -19.29 8.30
CA VAL A 48 16.54 -20.69 8.19
C VAL A 48 15.75 -21.46 7.18
N TYR A 49 16.35 -22.57 6.78
CA TYR A 49 15.76 -23.53 5.89
C TYR A 49 15.33 -24.64 6.81
N ALA A 50 14.13 -25.17 6.63
CA ALA A 50 13.65 -26.27 7.47
C ALA A 50 12.75 -27.20 6.69
N TYR A 51 12.91 -28.50 6.93
CA TYR A 51 12.02 -29.48 6.34
C TYR A 51 11.49 -30.57 7.27
N GLY A 52 10.76 -31.53 6.70
CA GLY A 52 10.20 -32.65 7.45
C GLY A 52 8.75 -32.42 7.86
N ASP A 53 8.05 -33.51 8.18
CA ASP A 53 6.61 -33.56 8.47
C ASP A 53 6.15 -32.43 9.38
N VAL A 54 5.09 -31.73 8.96
CA VAL A 54 4.39 -30.73 9.79
C VAL A 54 2.88 -30.86 9.65
N SER A 55 2.41 -32.06 9.38
CA SER A 55 1.01 -32.29 9.08
C SER A 55 0.15 -31.85 10.24
N LYS A 56 0.65 -32.10 11.46
CA LYS A 56 -0.01 -31.80 12.72
C LYS A 56 -0.53 -30.35 12.92
N TRP A 57 0.14 -29.35 12.33
CA TRP A 57 -0.05 -27.95 12.73
C TRP A 57 -0.88 -27.05 11.82
N THR A 58 -1.65 -26.14 12.44
CA THR A 58 -2.45 -25.12 11.77
C THR A 58 -1.57 -24.11 11.07
N ILE A 59 -2.17 -23.27 10.23
CA ILE A 59 -1.37 -22.35 9.41
C ILE A 59 -0.89 -21.20 10.24
N ARG A 60 -1.85 -20.60 10.93
CA ARG A 60 -1.60 -19.48 11.79
C ARG A 60 -0.44 -19.86 12.71
N GLN A 61 -0.45 -21.10 13.21
CA GLN A 61 0.68 -21.62 13.96
C GLN A 61 1.91 -21.48 13.09
N LEU A 62 1.82 -21.91 11.85
CA LEU A 62 3.02 -21.93 11.06
C LEU A 62 3.48 -20.55 10.64
N ARG A 63 2.53 -19.64 10.42
CA ARG A 63 2.91 -18.25 10.19
C ARG A 63 3.45 -17.58 11.47
N GLY A 64 2.77 -17.74 12.59
CA GLY A 64 3.29 -17.18 13.81
C GLY A 64 4.74 -17.57 13.95
N HIS A 65 5.11 -18.59 13.20
CA HIS A 65 6.37 -19.18 13.47
C HIS A 65 7.53 -18.68 12.65
N GLY A 66 7.19 -18.06 11.51
CA GLY A 66 8.17 -17.60 10.53
C GLY A 66 8.18 -18.38 9.19
N PHE A 67 7.15 -19.19 8.96
CA PHE A 67 7.23 -20.13 7.85
C PHE A 67 6.93 -19.49 6.55
N ILE A 68 7.84 -19.70 5.58
CA ILE A 68 7.52 -19.58 4.16
C ILE A 68 7.64 -20.94 3.43
N PHE A 69 6.67 -21.16 2.55
CA PHE A 69 6.40 -22.42 1.84
C PHE A 69 6.98 -22.42 0.44
N ILE A 70 7.92 -23.33 0.29
CA ILE A 70 8.69 -23.51 -0.93
C ILE A 70 8.61 -24.97 -1.30
N SER A 71 8.12 -25.23 -2.51
CA SER A 71 8.06 -26.59 -2.99
C SER A 71 8.22 -26.54 -4.48
N THR A 72 8.15 -27.71 -5.10
CA THR A 72 7.95 -27.81 -6.54
C THR A 72 6.48 -28.11 -6.75
N HIS A 73 5.81 -28.47 -5.66
CA HIS A 73 4.40 -28.76 -5.69
C HIS A 73 3.62 -27.51 -5.31
N LYS A 74 2.33 -27.49 -5.67
CA LYS A 74 1.51 -26.26 -5.57
C LYS A 74 1.15 -25.88 -4.14
N ASN A 75 1.19 -26.85 -3.25
CA ASN A 75 0.61 -26.68 -1.96
C ASN A 75 0.95 -27.85 -1.09
N VAL A 76 0.69 -27.69 0.20
CA VAL A 76 1.09 -28.69 1.17
C VAL A 76 -0.02 -28.91 2.19
N GLN A 77 -0.07 -30.13 2.73
CA GLN A 77 -1.07 -30.55 3.71
C GLN A 77 -0.75 -29.98 5.08
N LEU A 78 -1.80 -29.62 5.83
CA LEU A 78 -1.65 -29.05 7.17
C LEU A 78 -2.82 -29.50 8.03
N ALA A 79 -2.77 -29.16 9.31
CA ALA A 79 -3.88 -29.48 10.21
C ALA A 79 -5.08 -28.59 9.95
N ASP A 80 -4.78 -27.30 9.80
CA ASP A 80 -5.74 -26.23 9.55
C ASP A 80 -6.55 -26.55 8.30
N ILE A 81 -5.85 -26.40 7.16
CA ILE A 81 -6.34 -26.68 5.81
C ILE A 81 -5.13 -26.90 4.85
N ILE A 82 -5.30 -26.62 3.58
CA ILE A 82 -4.38 -27.08 2.55
C ILE A 82 -3.87 -25.86 1.80
N LYS A 83 -2.64 -25.45 2.12
CA LYS A 83 -2.08 -24.15 1.72
C LYS A 83 -1.48 -24.09 0.33
N THR A 84 -1.81 -23.04 -0.43
CA THR A 84 -1.11 -22.67 -1.65
C THR A 84 0.31 -22.33 -1.28
N VAL A 85 1.22 -23.12 -1.81
CA VAL A 85 2.64 -22.81 -1.78
C VAL A 85 2.94 -21.34 -2.16
N ASP A 86 3.64 -20.63 -1.26
CA ASP A 86 4.03 -19.22 -1.43
C ASP A 86 5.02 -19.09 -2.59
N VAL A 87 5.95 -20.03 -2.64
CA VAL A 87 7.06 -20.00 -3.60
C VAL A 87 7.15 -21.32 -4.31
N ARG A 88 6.62 -21.41 -5.52
CA ARG A 88 6.77 -22.63 -6.28
C ARG A 88 8.00 -22.53 -7.16
N ILE A 89 8.87 -23.55 -7.11
CA ILE A 89 9.99 -23.65 -8.05
C ILE A 89 9.54 -24.35 -9.34
N PRO A 90 9.89 -23.77 -10.50
CA PRO A 90 9.80 -24.62 -11.69
C PRO A 90 10.73 -25.83 -11.51
N ARG A 91 10.23 -27.03 -11.82
CA ARG A 91 10.94 -28.28 -11.48
C ARG A 91 12.29 -28.30 -12.18
N GLU A 92 12.29 -27.91 -13.45
CA GLU A 92 13.52 -27.68 -14.22
C GLU A 92 14.58 -26.99 -13.36
N VAL A 93 14.10 -26.16 -12.43
CA VAL A 93 14.95 -25.32 -11.59
C VAL A 93 15.12 -25.95 -10.20
N ALA A 94 14.71 -27.21 -10.06
CA ALA A 94 15.19 -28.00 -8.92
C ALA A 94 16.67 -28.12 -9.25
N ARG A 95 17.14 -28.98 -10.17
CA ARG A 95 16.61 -30.29 -10.62
C ARG A 95 17.56 -31.03 -11.59
N SER A 96 18.58 -30.40 -12.22
CA SER A 96 19.29 -29.12 -11.87
C SER A 96 20.09 -29.12 -10.57
N HIS A 97 19.66 -28.38 -9.56
CA HIS A 97 20.25 -28.50 -8.25
C HIS A 97 21.33 -27.50 -8.03
N ASP A 98 21.11 -26.27 -8.51
CA ASP A 98 21.91 -25.13 -8.05
C ASP A 98 21.33 -24.60 -6.75
N MET A 99 22.19 -24.53 -5.75
CA MET A 99 21.81 -24.02 -4.48
C MET A 99 21.49 -22.53 -4.64
N LYS A 100 22.22 -21.87 -5.53
CA LYS A 100 22.08 -20.42 -5.72
C LYS A 100 20.85 -20.06 -6.54
N ALA A 101 20.82 -20.42 -7.82
CA ALA A 101 19.67 -20.03 -8.64
C ALA A 101 18.34 -20.47 -8.00
N PHE A 102 18.43 -21.45 -7.12
CA PHE A 102 17.38 -21.75 -6.15
C PHE A 102 17.18 -20.53 -5.24
N GLU A 103 18.22 -20.18 -4.46
CA GLU A 103 18.17 -19.06 -3.53
C GLU A 103 17.68 -17.75 -4.14
N ASN A 104 18.24 -17.41 -5.30
CA ASN A 104 17.81 -16.21 -6.01
C ASN A 104 16.33 -16.28 -6.32
N GLU A 105 15.90 -17.49 -6.70
CA GLU A 105 14.49 -17.78 -6.93
C GLU A 105 13.62 -17.50 -5.70
N ILE A 106 14.14 -17.84 -4.53
CA ILE A 106 13.36 -17.54 -3.35
C ILE A 106 13.26 -16.04 -3.19
N GLY A 107 14.41 -15.39 -3.04
CA GLY A 107 14.50 -13.93 -2.99
C GLY A 107 13.44 -13.13 -3.75
N ARG A 108 13.39 -13.36 -5.05
CA ARG A 108 12.51 -12.62 -5.95
C ARG A 108 11.07 -12.75 -5.57
N ARG A 109 10.52 -13.95 -5.65
CA ARG A 109 9.11 -14.15 -5.31
C ARG A 109 8.85 -13.58 -3.87
N ARG A 110 9.89 -13.61 -3.04
CA ARG A 110 9.83 -13.04 -1.69
C ARG A 110 9.57 -11.54 -1.76
N ILE A 111 10.48 -10.84 -2.44
CA ILE A 111 10.24 -9.47 -2.83
C ILE A 111 8.88 -9.26 -3.49
N ARG A 112 8.41 -10.24 -4.22
CA ARG A 112 7.11 -10.10 -4.83
C ARG A 112 6.06 -10.11 -3.76
N MET A 113 6.28 -10.92 -2.73
CA MET A 113 5.35 -11.06 -1.62
C MET A 113 5.07 -9.78 -0.80
N ARG A 114 6.07 -8.93 -0.70
CA ARG A 114 5.88 -7.61 -0.11
C ARG A 114 4.49 -7.07 -0.40
N LYS A 115 4.02 -7.28 -1.62
CA LYS A 115 2.80 -6.61 -2.01
C LYS A 115 1.55 -7.28 -1.49
N GLY A 116 1.67 -8.53 -1.06
CA GLY A 116 0.53 -9.25 -0.48
C GLY A 116 0.22 -8.76 0.93
N PHE A 117 1.28 -8.34 1.62
CA PHE A 117 1.18 -7.88 2.98
C PHE A 117 0.47 -6.56 2.96
N GLY A 118 1.10 -5.56 2.37
CA GLY A 118 0.45 -4.29 2.23
C GLY A 118 -0.96 -4.45 1.72
N ASP A 119 -1.18 -5.43 0.87
CA ASP A 119 -2.50 -5.51 0.30
C ASP A 119 -3.49 -5.99 1.32
N ALA A 120 -3.02 -6.83 2.22
CA ALA A 120 -3.90 -7.39 3.22
C ALA A 120 -4.39 -6.27 4.11
N LEU A 121 -3.44 -5.47 4.55
CA LEU A 121 -3.70 -4.33 5.40
C LEU A 121 -4.53 -3.29 4.66
N ARG A 122 -3.99 -2.82 3.54
CA ARG A 122 -4.68 -1.88 2.71
C ARG A 122 -6.12 -2.34 2.60
N ASN A 123 -6.31 -3.64 2.41
CA ASN A 123 -7.61 -4.17 2.13
C ASN A 123 -8.55 -4.24 3.33
N TYR A 124 -7.98 -4.21 4.53
CA TYR A 124 -8.77 -4.05 5.71
C TYR A 124 -9.24 -2.64 5.75
N ALA A 125 -8.31 -1.74 5.42
CA ALA A 125 -8.56 -0.32 5.56
C ALA A 125 -9.74 0.17 4.72
N PHE A 126 -9.90 -0.31 3.48
CA PHE A 126 -11.06 0.15 2.70
C PHE A 126 -12.39 -0.30 3.35
N LYS A 127 -12.27 -1.37 4.13
CA LYS A 127 -13.39 -2.00 4.79
C LYS A 127 -13.79 -1.20 6.02
N MET A 128 -12.87 -0.34 6.45
CA MET A 128 -13.01 0.38 7.71
C MET A 128 -12.73 1.89 7.68
N ALA A 129 -12.33 2.45 6.53
CA ALA A 129 -11.78 3.82 6.56
C ALA A 129 -12.27 4.75 5.45
N ILE A 130 -12.19 6.05 5.70
CA ILE A 130 -12.59 7.05 4.71
C ILE A 130 -11.42 7.93 4.26
N GLU A 131 -10.76 8.57 5.20
CA GLU A 131 -9.57 9.29 4.85
C GLU A 131 -8.49 8.26 4.62
N PHE A 132 -7.42 8.67 3.92
CA PHE A 132 -6.33 7.80 3.52
C PHE A 132 -5.10 8.65 3.26
N HIS A 133 -4.05 8.51 4.06
CA HIS A 133 -2.95 9.49 3.97
C HIS A 133 -1.67 8.88 3.54
N GLY A 134 -0.84 9.71 2.89
CA GLY A 134 0.46 9.29 2.35
C GLY A 134 0.27 8.29 1.24
N SER A 135 -0.65 8.60 0.34
CA SER A 135 -1.14 7.60 -0.61
C SER A 135 -0.41 7.67 -1.95
N GLU A 136 -0.73 6.74 -2.85
CA GLU A 136 -0.12 6.67 -4.19
C GLU A 136 -0.95 5.83 -5.11
N ALA A 137 -0.59 5.86 -6.40
CA ALA A 137 -1.28 5.10 -7.46
C ALA A 137 -1.95 3.86 -6.93
N GLU A 138 -1.24 3.21 -6.01
CA GLU A 138 -1.54 1.86 -5.58
C GLU A 138 -2.86 1.82 -4.82
N THR A 139 -3.09 2.85 -4.00
CA THR A 139 -4.34 3.01 -3.25
C THR A 139 -5.42 3.52 -4.15
N LEU A 140 -5.02 4.39 -5.09
CA LEU A 140 -5.99 4.96 -6.04
C LEU A 140 -6.59 3.78 -6.69
N ASN A 141 -5.73 2.80 -6.93
CA ASN A 141 -6.11 1.62 -7.65
C ASN A 141 -7.31 0.89 -7.06
N ASP A 142 -7.36 0.78 -5.75
CA ASP A 142 -8.49 0.09 -5.18
C ASP A 142 -9.56 0.93 -4.52
N ALA A 143 -9.53 2.23 -4.74
CA ALA A 143 -10.49 3.04 -4.04
C ALA A 143 -11.83 2.97 -4.75
N ASN A 144 -12.91 3.20 -4.00
CA ASN A 144 -14.19 3.62 -4.57
C ASN A 144 -14.16 5.13 -4.34
N PRO A 145 -13.99 5.92 -5.41
CA PRO A 145 -13.72 7.34 -5.18
C PRO A 145 -14.91 8.05 -4.54
N ARG A 146 -16.09 7.49 -4.74
CA ARG A 146 -17.30 8.00 -4.14
C ARG A 146 -17.42 7.59 -2.67
N LEU A 147 -16.31 7.25 -2.03
CA LEU A 147 -16.35 6.86 -0.62
C LEU A 147 -15.10 7.32 0.03
N HIS A 148 -14.03 6.67 -0.37
CA HIS A 148 -12.76 6.98 0.15
C HIS A 148 -12.29 8.38 -0.26
N LYS A 149 -11.47 9.01 0.55
CA LYS A 149 -10.91 10.29 0.16
C LYS A 149 -9.44 10.06 0.39
N ILE A 150 -8.63 10.34 -0.63
CA ILE A 150 -7.27 9.80 -0.69
C ILE A 150 -6.26 10.91 -0.71
N TYR A 151 -5.38 10.89 0.27
CA TYR A 151 -4.50 12.01 0.48
C TYR A 151 -3.06 11.61 0.36
N GLY A 152 -2.21 12.63 0.30
CA GLY A 152 -0.81 12.41 0.29
C GLY A 152 -0.12 13.56 -0.37
N MET A 153 1.21 13.49 -0.36
CA MET A 153 2.05 14.34 -1.14
C MET A 153 2.87 13.42 -2.05
N PRO A 154 2.39 13.23 -3.30
CA PRO A 154 3.13 12.43 -4.27
C PRO A 154 4.09 13.31 -4.98
N GLU A 155 5.16 12.74 -5.54
CA GLU A 155 6.14 13.53 -6.30
C GLU A 155 5.50 14.06 -7.59
N ILE A 156 5.77 15.33 -7.90
CA ILE A 156 5.04 16.01 -8.96
C ILE A 156 5.73 15.90 -10.34
N PRO A 157 4.94 15.50 -11.36
CA PRO A 157 5.35 15.31 -12.73
C PRO A 157 5.78 16.63 -13.36
N PRO A 158 6.39 16.57 -14.56
CA PRO A 158 6.89 17.76 -15.25
C PRO A 158 5.72 18.59 -15.75
N LEU A 159 5.72 19.87 -15.41
CA LEU A 159 4.55 20.70 -15.61
C LEU A 159 4.79 22.04 -16.28
N TYR A 160 3.85 22.43 -17.12
CA TYR A 160 3.78 23.80 -17.57
C TYR A 160 2.58 24.53 -17.01
N MET A 161 2.85 25.74 -16.50
CA MET A 161 1.85 26.81 -16.25
C MET A 161 2.54 28.18 -16.00
N GLU A 162 2.11 28.88 -14.95
CA GLU A 162 2.61 30.23 -14.64
C GLU A 162 4.09 30.62 -15.00
N TYR A 163 5.19 29.91 -14.68
CA TYR A 163 5.42 28.64 -13.91
C TYR A 163 6.33 27.66 -14.70
N ALA A 164 7.66 27.69 -14.30
CA ALA A 164 8.63 26.85 -15.02
C ALA A 164 9.24 25.72 -14.16
N GLU A 165 10.47 25.95 -13.65
CA GLU A 165 11.31 24.99 -12.87
C GLU A 165 11.94 23.80 -13.67
N ILE A 166 11.16 23.23 -14.61
CA ILE A 166 11.50 22.05 -15.47
C ILE A 166 13.00 21.98 -15.87
N GLY A 167 13.65 20.81 -15.79
CA GLY A 167 13.05 19.51 -15.46
C GLY A 167 12.86 19.17 -13.98
N THR A 168 13.89 18.62 -13.32
CA THR A 168 15.03 17.97 -13.98
C THR A 168 14.60 16.56 -14.47
N ARG A 169 15.48 15.89 -15.24
CA ARG A 169 15.14 14.61 -15.87
C ARG A 169 15.16 13.46 -14.84
N PHE A 170 14.30 12.47 -15.06
CA PHE A 170 14.28 11.22 -14.27
C PHE A 170 14.30 9.99 -15.19
N ASP A 171 14.73 8.87 -14.65
CA ASP A 171 14.76 7.63 -15.42
C ASP A 171 13.35 7.12 -15.63
N ASP A 172 13.14 6.40 -16.73
CA ASP A 172 11.82 5.88 -17.05
C ASP A 172 11.84 4.57 -17.80
N GLU A 173 10.68 4.22 -18.35
CA GLU A 173 10.34 2.88 -18.86
C GLU A 173 9.08 2.94 -19.76
N PRO A 174 9.03 2.07 -20.79
CA PRO A 174 7.90 2.06 -21.73
C PRO A 174 6.60 1.79 -21.04
N THR A 175 5.51 2.21 -21.65
CA THR A 175 4.16 1.97 -21.11
C THR A 175 3.22 1.76 -22.25
N ASP A 176 1.95 1.54 -21.93
CA ASP A 176 0.87 1.64 -22.91
C ASP A 176 1.04 2.83 -23.89
N GLU A 177 0.54 2.67 -25.11
CA GLU A 177 0.76 3.68 -26.15
C GLU A 177 0.09 5.00 -25.81
N LYS A 178 0.67 6.08 -26.34
CA LYS A 178 0.21 7.44 -26.07
C LYS A 178 -1.22 7.42 -25.60
N LEU A 179 -2.12 7.19 -26.54
CA LEU A 179 -3.54 7.40 -26.35
C LEU A 179 -4.20 6.42 -25.40
N VAL A 180 -3.61 5.26 -25.19
CA VAL A 180 -4.24 4.42 -24.16
C VAL A 180 -3.77 4.91 -22.80
N SER A 181 -2.46 4.99 -22.64
CA SER A 181 -1.87 5.66 -21.49
C SER A 181 -2.50 7.01 -21.14
N MET A 182 -3.26 7.60 -22.07
CA MET A 182 -3.89 8.88 -21.79
C MET A 182 -5.08 8.65 -20.89
N LEU A 183 -6.11 8.09 -21.51
CA LEU A 183 -7.18 7.42 -20.80
C LEU A 183 -6.73 6.91 -19.45
N ASP A 184 -5.63 6.18 -19.43
CA ASP A 184 -5.24 5.47 -18.24
C ASP A 184 -5.11 6.38 -17.02
N TYR A 185 -4.52 7.55 -17.21
CA TYR A 185 -4.30 8.40 -16.04
C TYR A 185 -5.43 9.39 -15.79
N ILE A 186 -6.30 9.57 -16.77
CA ILE A 186 -7.35 10.50 -16.55
C ILE A 186 -8.55 9.85 -15.92
N VAL A 187 -8.81 8.59 -16.25
CA VAL A 187 -9.96 7.97 -15.64
C VAL A 187 -9.71 7.43 -14.26
N TYR A 188 -10.35 8.08 -13.29
CA TYR A 188 -10.27 7.63 -11.93
C TYR A 188 -11.65 7.73 -11.30
N SER A 189 -12.24 8.93 -11.36
CA SER A 189 -13.46 9.22 -10.62
C SER A 189 -14.42 9.95 -11.48
N ALA A 190 -14.20 9.99 -12.79
CA ALA A 190 -15.21 10.51 -13.71
C ALA A 190 -16.43 9.60 -13.64
N GLU A 191 -17.47 9.86 -14.42
CA GLU A 191 -18.65 9.05 -14.22
C GLU A 191 -19.30 8.91 -15.57
N GLU A 192 -19.03 9.93 -16.36
CA GLU A 192 -19.59 10.21 -17.65
C GLU A 192 -18.37 10.79 -18.35
N VAL A 193 -18.01 10.21 -19.49
CA VAL A 193 -16.95 10.80 -20.26
C VAL A 193 -17.51 11.24 -21.59
N HIS A 194 -17.19 12.49 -21.93
CA HIS A 194 -17.50 13.03 -23.23
C HIS A 194 -16.15 13.13 -23.86
N TYR A 195 -15.92 12.15 -24.71
CA TYR A 195 -14.70 12.00 -25.44
C TYR A 195 -15.05 12.54 -26.78
N ILE A 196 -14.37 13.61 -27.15
CA ILE A 196 -14.59 14.14 -28.47
C ILE A 196 -13.40 13.83 -29.35
N GLY A 197 -13.73 13.51 -30.60
CA GLY A 197 -12.74 13.16 -31.59
C GLY A 197 -12.22 11.83 -31.15
N CYS A 198 -13.14 10.91 -30.87
CA CYS A 198 -12.74 9.63 -30.32
C CYS A 198 -12.20 8.67 -31.39
N GLY A 199 -12.33 9.00 -32.67
CA GLY A 199 -11.67 8.22 -33.69
C GLY A 199 -12.39 6.94 -34.12
N ASP A 200 -11.63 5.85 -34.14
CA ASP A 200 -12.14 4.54 -34.54
C ASP A 200 -12.39 3.65 -33.32
N LEU A 201 -11.98 4.16 -32.16
CA LEU A 201 -12.32 3.62 -30.85
C LEU A 201 -11.37 2.54 -30.37
N ARG A 202 -10.52 2.06 -31.26
CA ARG A 202 -9.60 0.99 -30.92
C ARG A 202 -8.89 1.37 -29.62
N THR A 203 -8.63 2.67 -29.47
CA THR A 203 -8.04 3.22 -28.26
C THR A 203 -8.86 2.77 -27.05
N LEU A 204 -10.05 3.33 -26.94
CA LEU A 204 -10.94 3.03 -25.84
C LEU A 204 -11.13 1.52 -25.71
N MET A 205 -11.09 0.83 -26.83
CA MET A 205 -11.36 -0.60 -26.81
C MET A 205 -10.28 -1.39 -26.11
N GLN A 206 -9.03 -0.98 -26.31
CA GLN A 206 -7.88 -1.63 -25.68
C GLN A 206 -7.83 -1.24 -24.23
N PHE A 207 -8.30 -0.03 -23.94
CA PHE A 207 -8.43 0.40 -22.57
C PHE A 207 -9.38 -0.53 -21.82
N LYS A 208 -10.47 -0.90 -22.49
CA LYS A 208 -11.45 -1.80 -21.93
C LYS A 208 -10.88 -3.20 -21.81
N LYS A 209 -9.96 -3.53 -22.72
CA LYS A 209 -9.35 -4.83 -22.69
C LYS A 209 -8.31 -4.86 -21.58
N ARG A 210 -7.83 -3.69 -21.17
CA ARG A 210 -6.81 -3.58 -20.11
C ARG A 210 -7.28 -3.06 -18.75
N SER A 211 -8.41 -2.37 -18.69
CA SER A 211 -8.87 -1.79 -17.42
C SER A 211 -10.39 -1.90 -17.30
N PRO A 212 -10.92 -3.13 -17.22
CA PRO A 212 -12.35 -3.41 -17.43
C PRO A 212 -13.31 -2.80 -16.40
N GLY A 213 -12.83 -2.62 -15.17
CA GLY A 213 -13.61 -2.06 -14.07
C GLY A 213 -13.99 -0.61 -14.32
N ARG A 214 -12.96 0.23 -14.42
CA ARG A 214 -13.22 1.64 -14.57
C ARG A 214 -13.65 1.95 -15.97
N PHE A 215 -13.60 0.99 -16.87
CA PHE A 215 -14.25 1.23 -18.14
C PHE A 215 -15.76 1.12 -17.96
N ARG A 216 -16.19 0.13 -17.20
CA ARG A 216 -17.60 -0.17 -17.07
C ARG A 216 -18.32 0.75 -16.11
N ARG A 217 -17.61 1.10 -15.03
CA ARG A 217 -18.06 2.12 -14.09
C ARG A 217 -17.86 3.53 -14.70
N VAL A 218 -18.07 3.65 -16.01
CA VAL A 218 -18.06 4.93 -16.71
C VAL A 218 -19.03 4.88 -17.83
N LEU A 219 -19.69 5.99 -18.08
CA LEU A 219 -20.61 6.06 -19.21
C LEU A 219 -20.00 6.99 -20.24
N TRP A 220 -19.94 6.52 -21.48
CA TRP A 220 -19.10 7.17 -22.48
C TRP A 220 -20.01 7.73 -23.52
N HIS A 221 -19.80 8.98 -23.85
CA HIS A 221 -20.34 9.51 -25.07
C HIS A 221 -19.07 9.73 -25.81
N VAL A 222 -19.01 9.13 -26.97
CA VAL A 222 -17.83 9.24 -27.79
C VAL A 222 -18.26 9.94 -29.09
N TYR A 223 -17.80 11.17 -29.26
CA TYR A 223 -18.26 12.01 -30.38
C TYR A 223 -17.34 11.90 -31.59
N ASP A 224 -17.89 11.53 -32.75
CA ASP A 224 -17.12 11.39 -33.99
C ASP A 224 -17.91 10.90 -35.24
N PRO A 225 -17.72 11.57 -36.40
CA PRO A 225 -18.33 11.14 -37.67
C PRO A 225 -17.86 9.75 -38.12
N ILE A 226 -16.53 9.48 -37.94
CA ILE A 226 -15.94 8.20 -38.36
C ILE A 226 -16.13 7.06 -37.36
N ALA A 227 -16.39 7.37 -36.08
CA ALA A 227 -16.57 6.34 -35.03
C ALA A 227 -17.61 5.25 -35.36
N PRO A 228 -17.22 3.97 -35.19
CA PRO A 228 -18.04 2.82 -35.63
C PRO A 228 -19.14 2.47 -34.65
N GLU A 229 -20.19 1.82 -35.09
CA GLU A 229 -21.19 1.30 -34.16
C GLU A 229 -20.51 0.44 -33.09
N CYS A 230 -21.02 0.49 -31.87
CA CYS A 230 -20.50 -0.31 -30.77
C CYS A 230 -21.61 -0.54 -29.77
N SER A 231 -21.92 -1.85 -29.59
CA SER A 231 -22.93 -2.30 -28.65
C SER A 231 -22.67 -1.69 -27.26
N ASP A 232 -21.60 -2.12 -26.59
CA ASP A 232 -21.27 -1.73 -25.18
C ASP A 232 -22.22 -0.75 -24.51
N PRO A 233 -23.10 -1.26 -23.62
CA PRO A 233 -24.24 -0.43 -23.25
C PRO A 233 -23.87 0.67 -22.23
N ASN A 234 -22.59 0.87 -22.01
CA ASN A 234 -22.19 2.05 -21.29
C ASN A 234 -21.47 2.94 -22.27
N VAL A 235 -21.63 2.64 -23.56
CA VAL A 235 -20.94 3.41 -24.59
C VAL A 235 -21.94 3.97 -25.57
N ILE A 236 -22.06 5.29 -25.54
CA ILE A 236 -22.99 5.94 -26.40
C ILE A 236 -22.21 6.56 -27.52
N VAL A 237 -22.54 6.11 -28.71
CA VAL A 237 -21.90 6.53 -29.93
C VAL A 237 -22.63 7.68 -30.60
N HIS A 238 -21.85 8.71 -30.91
CA HIS A 238 -22.35 9.90 -31.56
C HIS A 238 -21.64 10.08 -32.88
N ASN A 239 -22.43 10.11 -33.95
CA ASN A 239 -21.91 10.27 -35.29
C ASN A 239 -21.91 11.72 -35.71
N ILE A 240 -22.34 12.58 -34.78
CA ILE A 240 -22.22 14.04 -34.92
C ILE A 240 -20.76 14.50 -35.04
N MET A 241 -20.52 15.67 -35.65
CA MET A 241 -19.19 16.34 -35.53
C MET A 241 -19.26 17.60 -34.64
N VAL A 242 -18.17 17.97 -33.95
CA VAL A 242 -18.31 19.04 -32.95
C VAL A 242 -17.71 20.41 -33.22
N ASP A 243 -18.64 21.36 -33.41
CA ASP A 243 -18.32 22.75 -33.61
C ASP A 243 -18.74 23.57 -32.37
N SER A 244 -19.76 23.08 -31.67
CA SER A 244 -20.42 23.83 -30.60
C SER A 244 -20.57 23.01 -29.35
N LYS A 245 -20.65 23.70 -28.21
CA LYS A 245 -20.92 23.05 -26.93
C LYS A 245 -22.29 22.42 -26.96
N LYS A 246 -23.14 22.97 -27.81
CA LYS A 246 -24.54 22.58 -27.85
C LYS A 246 -24.75 21.16 -28.40
N ASP A 247 -23.70 20.60 -29.02
CA ASP A 247 -23.71 19.20 -29.40
C ASP A 247 -23.27 18.30 -28.23
N ILE A 248 -23.21 18.85 -27.02
CA ILE A 248 -22.93 18.04 -25.84
C ILE A 248 -24.07 18.16 -24.83
N LEU A 249 -24.62 19.40 -24.74
CA LEU A 249 -25.80 19.69 -23.91
C LEU A 249 -26.89 18.68 -24.06
N LYS A 250 -27.31 18.43 -25.32
CA LYS A 250 -28.44 17.52 -25.58
C LYS A 250 -28.21 16.07 -25.09
N HIS A 251 -27.02 15.81 -24.56
CA HIS A 251 -26.57 14.49 -24.07
C HIS A 251 -26.10 14.57 -22.61
N MET A 252 -26.96 15.07 -21.73
CA MET A 252 -26.57 15.34 -20.36
C MET A 252 -27.74 15.37 -19.41
N ASN A 253 -27.64 14.64 -18.30
CA ASN A 253 -28.66 14.68 -17.24
C ASN A 253 -28.26 15.71 -16.17
N PHE A 254 -28.90 16.87 -16.27
CA PHE A 254 -28.74 17.96 -15.32
C PHE A 254 -29.63 17.82 -14.10
N LEU A 255 -30.64 16.95 -14.21
CA LEU A 255 -31.51 16.62 -13.10
C LEU A 255 -30.83 15.64 -12.15
N LYS A 256 -29.59 15.28 -12.45
CA LYS A 256 -28.80 14.42 -11.57
C LYS A 256 -27.30 14.76 -11.61
N ARG A 257 -26.65 14.50 -10.47
CA ARG A 257 -25.28 14.92 -10.11
C ARG A 257 -24.27 13.93 -10.66
N VAL A 258 -23.13 14.39 -11.14
CA VAL A 258 -22.17 13.49 -11.76
C VAL A 258 -20.84 14.14 -11.88
N GLU A 259 -19.74 13.43 -11.58
CA GLU A 259 -18.46 13.97 -12.03
C GLU A 259 -18.42 13.73 -13.54
N ARG A 260 -18.36 14.77 -14.35
CA ARG A 260 -18.32 14.54 -15.77
C ARG A 260 -16.94 14.87 -16.24
N LEU A 261 -16.36 14.03 -17.10
CA LEU A 261 -15.06 14.36 -17.74
C LEU A 261 -15.13 14.67 -19.23
N PHE A 262 -14.32 15.64 -19.66
CA PHE A 262 -14.32 16.08 -21.06
C PHE A 262 -12.97 15.92 -21.73
N ILE A 263 -12.96 15.20 -22.86
CA ILE A 263 -11.74 14.80 -23.58
C ILE A 263 -11.80 15.29 -25.02
N TRP A 264 -10.79 16.05 -25.42
CA TRP A 264 -10.79 16.67 -26.75
C TRP A 264 -9.53 16.27 -27.50
N ASP A 265 -9.73 15.33 -28.45
CA ASP A 265 -8.64 14.69 -29.16
C ASP A 265 -8.84 14.86 -30.65
N VAL A 266 -9.13 16.10 -31.02
CA VAL A 266 -9.68 16.40 -32.32
C VAL A 266 -8.63 16.97 -33.27
N SER A 267 -8.48 16.33 -34.42
CA SER A 267 -7.64 16.88 -35.49
C SER A 267 -8.14 16.52 -36.91
N SER A 268 -7.84 17.38 -37.88
CA SER A 268 -8.47 17.31 -39.22
C SER A 268 -7.58 16.71 -40.31
N ASP A 269 -7.77 17.14 -41.56
CA ASP A 269 -7.00 16.60 -42.70
C ASP A 269 -6.37 17.70 -43.56
N GLU A 277 -0.30 25.46 -46.80
CA GLU A 277 -0.42 24.31 -45.89
C GLU A 277 0.25 24.51 -44.52
N TRP A 278 -0.17 25.61 -43.84
CA TRP A 278 0.00 25.65 -42.39
C TRP A 278 -1.24 25.13 -41.68
N GLU A 279 -1.00 24.73 -40.43
CA GLU A 279 -2.00 24.21 -39.51
C GLU A 279 -2.16 25.15 -38.30
N THR A 280 -2.45 26.41 -38.62
CA THR A 280 -3.03 27.38 -37.71
C THR A 280 -4.48 26.97 -37.52
N THR A 281 -4.75 25.70 -37.85
CA THR A 281 -6.03 25.02 -37.70
C THR A 281 -5.89 24.07 -36.52
N ARG A 282 -4.99 23.10 -36.70
CA ARG A 282 -4.49 22.33 -35.63
C ARG A 282 -4.71 23.21 -34.43
N PHE A 283 -4.30 24.48 -34.55
CA PHE A 283 -4.40 25.43 -33.45
C PHE A 283 -5.85 25.61 -32.98
N ALA A 284 -6.66 26.28 -33.81
CA ALA A 284 -8.05 26.62 -33.46
C ALA A 284 -8.91 25.45 -32.87
N GLU A 285 -8.48 24.21 -33.12
CA GLU A 285 -9.19 23.03 -32.63
C GLU A 285 -8.84 22.86 -31.20
N ASP A 286 -7.55 22.83 -30.95
CA ASP A 286 -7.07 22.91 -29.60
C ASP A 286 -7.83 24.03 -28.87
N ARG A 287 -7.58 25.29 -29.28
CA ARG A 287 -8.31 26.43 -28.72
C ARG A 287 -9.83 26.19 -28.63
N LEU A 288 -10.43 25.69 -29.70
CA LEU A 288 -11.86 25.42 -29.70
C LEU A 288 -12.27 24.31 -28.74
N GLY A 289 -11.44 23.28 -28.57
CA GLY A 289 -11.71 22.29 -27.54
C GLY A 289 -11.80 22.89 -26.15
N GLU A 290 -10.79 23.68 -25.81
CA GLU A 290 -10.73 24.54 -24.63
C GLU A 290 -11.91 25.46 -24.51
N GLU A 291 -12.06 26.37 -25.47
CA GLU A 291 -13.24 27.24 -25.53
C GLU A 291 -14.55 26.52 -25.27
N ILE A 292 -14.63 25.23 -25.61
CA ILE A 292 -15.88 24.49 -25.42
C ILE A 292 -16.00 24.08 -23.97
N ALA A 293 -14.91 23.50 -23.46
CA ALA A 293 -14.81 23.15 -22.05
C ALA A 293 -15.12 24.40 -21.26
N TYR A 294 -14.40 25.50 -21.47
CA TYR A 294 -14.59 26.64 -20.60
C TYR A 294 -16.08 26.87 -20.39
N GLU A 295 -16.80 27.12 -21.49
CA GLU A 295 -18.22 27.41 -21.43
C GLU A 295 -18.90 26.39 -20.52
N MET A 296 -18.52 25.14 -20.67
CA MET A 296 -19.19 24.06 -19.97
C MET A 296 -18.70 23.86 -18.54
N GLY A 297 -17.48 24.31 -18.27
CA GLY A 297 -16.88 24.20 -16.94
C GLY A 297 -17.89 24.68 -15.93
N GLY A 298 -18.53 23.73 -15.27
CA GLY A 298 -19.76 24.01 -14.54
C GLY A 298 -20.61 22.77 -14.68
N ALA A 299 -20.18 21.89 -15.58
CA ALA A 299 -20.77 20.57 -15.73
C ALA A 299 -19.68 19.56 -15.45
N PHE A 300 -18.48 19.90 -15.89
CA PHE A 300 -17.34 19.01 -15.84
C PHE A 300 -16.47 19.36 -14.69
N SER A 301 -16.01 18.33 -14.00
CA SER A 301 -14.95 18.50 -13.07
C SER A 301 -13.69 18.87 -13.82
N SER A 302 -13.50 18.28 -15.01
CA SER A 302 -12.22 18.48 -15.70
C SER A 302 -12.25 18.32 -17.20
N ALA A 303 -11.12 18.65 -17.82
CA ALA A 303 -10.92 18.38 -19.22
C ALA A 303 -9.51 17.89 -19.52
N LEU A 304 -9.43 16.98 -20.50
CA LEU A 304 -8.15 16.69 -21.17
C LEU A 304 -8.17 17.03 -22.66
N ILE A 305 -7.67 18.25 -22.93
CA ILE A 305 -7.58 18.84 -24.25
C ILE A 305 -6.26 18.51 -24.96
N LYS A 306 -6.38 18.02 -26.20
CA LYS A 306 -5.22 17.82 -27.10
C LYS A 306 -4.53 19.18 -27.43
N HIS A 307 -3.20 19.16 -27.49
CA HIS A 307 -2.49 20.42 -27.48
C HIS A 307 -1.15 20.30 -28.20
N ARG A 308 -1.24 20.20 -29.52
CA ARG A 308 -0.05 20.34 -30.36
C ARG A 308 0.55 21.71 -30.19
N ILE A 309 1.87 21.69 -30.10
CA ILE A 309 2.73 22.85 -30.00
C ILE A 309 3.12 23.40 -31.39
N PRO A 310 2.82 24.67 -31.65
CA PRO A 310 3.14 25.35 -32.91
C PRO A 310 4.60 25.27 -33.34
N ASN A 311 4.90 25.63 -34.59
CA ASN A 311 6.26 25.84 -35.08
C ASN A 311 6.44 27.30 -35.31
N SER A 312 5.51 27.84 -36.10
CA SER A 312 5.52 29.23 -36.58
C SER A 312 5.54 30.21 -35.44
N LYS A 313 4.97 29.78 -34.31
CA LYS A 313 4.72 30.63 -33.13
C LYS A 313 5.74 30.43 -31.98
N ASP A 314 6.15 31.55 -31.39
CA ASP A 314 7.25 31.57 -30.41
C ASP A 314 6.85 31.68 -28.94
N GLU A 315 5.82 32.48 -28.69
CA GLU A 315 5.04 32.43 -27.45
C GLU A 315 3.55 32.55 -27.85
N TYR A 316 2.66 32.02 -27.02
CA TYR A 316 1.22 32.02 -27.36
C TYR A 316 0.33 31.71 -26.15
N HIS A 317 -0.96 31.50 -26.42
CA HIS A 317 -1.97 31.49 -25.35
C HIS A 317 -2.96 30.34 -25.37
N CYS A 318 -3.63 30.13 -24.24
CA CYS A 318 -4.72 29.15 -24.14
C CYS A 318 -5.29 29.18 -22.73
N ILE A 319 -6.41 28.49 -22.56
CA ILE A 319 -7.01 28.29 -21.26
C ILE A 319 -6.55 26.94 -20.70
N SER A 320 -5.85 26.97 -19.57
CA SER A 320 -5.23 25.77 -19.00
C SER A 320 -5.12 25.89 -17.48
N THR A 321 -5.22 24.74 -16.81
CA THR A 321 -4.72 24.58 -15.44
C THR A 321 -3.27 24.14 -15.56
N TYR A 322 -3.09 23.01 -16.26
CA TYR A 322 -1.76 22.43 -16.48
C TYR A 322 -1.47 22.09 -17.92
N LEU A 323 -0.16 21.99 -18.18
CA LEU A 323 0.34 21.44 -19.43
C LEU A 323 1.42 20.42 -19.18
N PHE A 324 1.23 19.21 -19.71
CA PHE A 324 2.28 18.22 -19.58
C PHE A 324 2.43 17.21 -20.69
N PRO A 325 3.63 16.58 -20.72
CA PRO A 325 4.09 15.58 -21.64
C PRO A 325 3.19 14.42 -21.43
N GLN A 326 3.22 13.45 -22.32
CA GLN A 326 2.31 12.32 -22.21
C GLN A 326 3.03 11.07 -22.58
N PRO A 327 3.06 10.08 -21.67
CA PRO A 327 3.73 8.78 -21.72
C PRO A 327 3.64 8.04 -23.04
N GLY A 328 4.69 7.32 -23.40
CA GLY A 328 4.59 6.40 -24.55
C GLY A 328 4.46 7.06 -25.92
N ALA A 329 4.49 8.39 -25.92
CA ALA A 329 4.42 9.17 -27.15
C ALA A 329 5.77 9.27 -27.82
N ASP A 330 5.81 8.88 -29.10
CA ASP A 330 7.00 9.01 -29.95
C ASP A 330 7.73 10.31 -29.62
N ALA A 331 9.06 10.29 -29.70
CA ALA A 331 9.87 11.42 -29.24
C ALA A 331 9.80 12.61 -30.16
N ASP A 332 9.34 12.40 -31.40
CA ASP A 332 9.15 13.49 -32.36
C ASP A 332 7.77 14.16 -32.23
N MET A 333 6.90 13.52 -31.46
CA MET A 333 5.57 14.02 -31.22
C MET A 333 5.76 15.19 -30.36
N TYR A 334 5.46 16.39 -30.88
CA TYR A 334 5.43 17.61 -30.04
C TYR A 334 3.98 18.04 -29.75
N GLU A 335 3.31 17.19 -28.99
CA GLU A 335 1.93 17.33 -28.60
C GLU A 335 1.80 17.01 -27.08
N LEU A 336 1.79 18.07 -26.28
CA LEU A 336 1.51 17.98 -24.89
C LEU A 336 0.01 17.81 -24.75
N ARG A 337 -0.44 17.15 -23.68
CA ARG A 337 -1.84 17.29 -23.27
C ARG A 337 -2.06 18.41 -22.25
N ASN A 338 -3.21 19.06 -22.37
CA ASN A 338 -3.59 20.16 -21.53
C ASN A 338 -4.66 19.72 -20.60
N PHE A 339 -4.38 19.94 -19.32
CA PHE A 339 -5.37 19.70 -18.31
C PHE A 339 -6.12 20.96 -17.94
N MET A 340 -7.39 20.75 -17.65
CA MET A 340 -8.23 21.82 -17.14
C MET A 340 -9.05 21.31 -15.97
N ARG A 341 -8.68 21.78 -14.80
CA ARG A 341 -9.51 21.56 -13.67
C ARG A 341 -10.61 22.60 -13.77
N LEU A 342 -11.80 22.22 -13.36
CA LEU A 342 -12.96 23.07 -13.52
C LEU A 342 -13.79 23.07 -12.25
N ARG A 343 -14.66 24.08 -12.11
CA ARG A 343 -15.75 24.00 -11.15
C ARG A 343 -16.80 23.13 -11.83
N GLY A 344 -17.76 22.61 -11.06
CA GLY A 344 -18.66 21.59 -11.57
C GLY A 344 -18.34 20.31 -10.83
N TYR A 345 -19.39 19.52 -10.56
CA TYR A 345 -19.38 18.53 -9.48
C TYR A 345 -18.34 17.43 -9.62
N SER A 346 -17.78 16.98 -8.48
CA SER A 346 -16.77 15.93 -8.45
C SER A 346 -16.59 15.24 -7.09
N HIS A 347 -16.03 14.03 -7.10
CA HIS A 347 -15.80 13.23 -5.88
C HIS A 347 -14.40 13.49 -5.28
N VAL A 348 -13.47 13.94 -6.11
CA VAL A 348 -12.16 14.39 -5.70
C VAL A 348 -12.02 15.92 -5.73
N ASP A 349 -11.71 16.52 -4.58
CA ASP A 349 -11.65 17.97 -4.36
C ASP A 349 -10.41 18.53 -4.99
N ARG A 350 -10.47 18.82 -6.27
CA ARG A 350 -9.23 19.12 -6.96
C ARG A 350 -8.83 20.58 -6.79
N HIS A 351 -9.44 21.27 -5.83
CA HIS A 351 -9.35 22.75 -5.79
C HIS A 351 -7.93 23.26 -5.75
N MET A 352 -7.09 22.55 -5.02
CA MET A 352 -5.65 22.76 -5.05
C MET A 352 -5.15 23.08 -6.43
N HIS A 353 -5.59 22.30 -7.43
CA HIS A 353 -5.21 22.52 -8.81
C HIS A 353 -5.96 23.70 -9.32
N PRO A 354 -5.23 24.77 -9.68
CA PRO A 354 -5.71 26.14 -9.96
C PRO A 354 -6.75 26.18 -11.06
N ASP A 355 -7.86 26.85 -10.77
CA ASP A 355 -9.01 26.98 -11.68
C ASP A 355 -8.56 27.29 -13.11
N ALA A 356 -8.57 26.29 -13.99
CA ALA A 356 -8.12 26.45 -15.40
C ALA A 356 -8.40 27.80 -16.05
N SER A 357 -7.33 28.49 -16.48
CA SER A 357 -7.38 29.90 -16.93
C SER A 357 -6.44 30.17 -18.13
N VAL A 358 -6.50 31.37 -18.72
CA VAL A 358 -5.60 31.79 -19.83
C VAL A 358 -4.09 31.78 -19.46
N THR A 359 -3.31 31.02 -20.21
CA THR A 359 -1.93 30.74 -19.84
C THR A 359 -1.07 31.15 -21.02
N LYS A 360 -0.09 32.03 -20.77
CA LYS A 360 0.92 32.38 -21.77
C LYS A 360 2.01 31.34 -21.77
N VAL A 361 2.16 30.65 -22.90
CA VAL A 361 3.14 29.57 -23.05
C VAL A 361 4.23 29.86 -24.12
N VAL A 362 5.47 29.55 -23.74
CA VAL A 362 6.66 29.80 -24.54
C VAL A 362 7.09 28.54 -25.22
N SER A 363 6.69 28.41 -26.49
CA SER A 363 6.95 27.23 -27.28
C SER A 363 8.26 26.54 -26.97
N ARG A 364 9.35 27.29 -26.95
CA ARG A 364 10.67 26.69 -26.66
C ARG A 364 10.73 25.88 -25.37
N ASP A 365 10.17 26.44 -24.28
CA ASP A 365 10.16 25.83 -22.94
C ASP A 365 9.30 24.55 -22.94
N VAL A 366 8.36 24.55 -23.87
CA VAL A 366 7.49 23.44 -24.08
C VAL A 366 8.30 22.42 -24.86
N ARG A 367 9.00 22.93 -25.88
CA ARG A 367 9.80 22.10 -26.76
C ARG A 367 10.70 21.26 -25.90
N LYS A 368 11.45 21.95 -25.04
CA LYS A 368 12.34 21.35 -24.08
C LYS A 368 11.63 20.33 -23.21
N MET A 369 10.33 20.48 -23.05
CA MET A 369 9.60 19.49 -22.28
C MET A 369 9.58 18.17 -22.99
N VAL A 370 9.05 18.19 -24.20
CA VAL A 370 8.98 17.01 -25.05
C VAL A 370 10.35 16.36 -25.23
N GLU A 371 11.30 17.18 -25.68
CA GLU A 371 12.70 16.78 -25.80
C GLU A 371 13.16 15.95 -24.59
N LEU A 372 12.86 16.42 -23.37
CA LEU A 372 13.26 15.70 -22.17
C LEU A 372 12.47 14.43 -21.91
N TYR A 373 11.15 14.49 -22.12
CA TYR A 373 10.26 13.54 -21.45
C TYR A 373 9.52 12.51 -22.35
N HIS A 374 9.37 12.84 -23.62
CA HIS A 374 8.74 11.93 -24.57
C HIS A 374 9.72 10.86 -25.07
N GLY A 375 9.18 9.83 -25.71
CA GLY A 375 9.96 8.69 -26.11
C GLY A 375 9.10 7.47 -25.92
N ARG A 376 9.03 6.66 -26.96
CA ARG A 376 8.20 5.48 -26.99
C ARG A 376 8.99 4.39 -26.32
N ASP A 377 9.56 4.72 -25.16
CA ASP A 377 10.17 3.76 -24.25
C ASP A 377 10.48 4.51 -22.96
N ARG A 378 9.50 5.30 -22.58
CA ARG A 378 9.65 6.23 -21.52
C ARG A 378 8.23 6.63 -21.24
N GLY A 379 7.66 6.11 -20.18
CA GLY A 379 6.36 6.62 -19.77
C GLY A 379 5.93 6.22 -18.37
N ARG A 380 5.98 4.90 -18.14
CA ARG A 380 5.59 4.33 -16.86
C ARG A 380 5.53 5.42 -15.78
N PHE A 381 6.69 5.80 -15.25
CA PHE A 381 6.76 6.67 -14.08
C PHE A 381 6.13 8.06 -14.26
N LEU A 382 6.29 8.64 -15.45
CA LEU A 382 5.49 9.84 -15.77
C LEU A 382 3.99 9.53 -15.55
N LYS A 383 3.49 8.48 -16.20
CA LYS A 383 2.07 8.20 -16.17
C LYS A 383 1.54 8.14 -14.75
N LYS A 384 2.29 7.44 -13.89
CA LYS A 384 2.03 7.36 -12.46
C LYS A 384 1.90 8.74 -11.89
N ARG A 385 3.00 9.50 -11.91
CA ARG A 385 2.93 10.84 -11.39
C ARG A 385 1.72 11.63 -11.92
N LEU A 386 1.39 11.46 -13.19
CA LEU A 386 0.29 12.19 -13.75
C LEU A 386 -0.93 11.68 -13.02
N PHE A 387 -0.98 10.37 -12.86
CA PHE A 387 -2.14 9.79 -12.28
C PHE A 387 -2.38 10.18 -10.85
N GLU A 388 -1.32 10.24 -10.06
CA GLU A 388 -1.43 10.62 -8.66
C GLU A 388 -1.69 12.12 -8.58
N HIS A 389 -0.78 12.93 -9.12
CA HIS A 389 -0.93 14.35 -9.02
C HIS A 389 -2.34 14.74 -9.36
N LEU A 390 -2.96 14.04 -10.28
CA LEU A 390 -4.27 14.49 -10.71
C LEU A 390 -5.41 14.22 -9.72
N HIS A 391 -5.35 13.04 -9.09
CA HIS A 391 -6.52 12.42 -8.45
C HIS A 391 -6.45 12.32 -6.94
N ILE A 392 -5.25 12.37 -6.38
CA ILE A 392 -5.04 12.41 -4.92
C ILE A 392 -5.04 13.88 -4.46
N VAL A 393 -5.56 14.14 -3.26
CA VAL A 393 -5.57 15.51 -2.73
C VAL A 393 -4.30 15.82 -1.93
N ARG A 394 -3.59 16.87 -2.34
CA ARG A 394 -2.27 17.17 -1.75
C ARG A 394 -2.35 17.62 -0.26
N LYS A 395 -2.49 16.62 0.62
CA LYS A 395 -2.56 16.85 2.07
C LYS A 395 -1.53 16.02 2.82
N ASN A 396 -1.11 16.53 3.98
CA ASN A 396 -0.03 15.98 4.78
C ASN A 396 -0.51 15.26 6.04
N GLY A 397 -0.46 13.94 6.02
CA GLY A 397 -0.93 13.07 7.12
C GLY A 397 -0.74 13.59 8.55
N LEU A 398 0.50 13.99 8.85
CA LEU A 398 0.89 14.51 10.17
C LEU A 398 0.14 15.74 10.53
N LEU A 399 0.05 16.68 9.61
CA LEU A 399 -0.52 18.01 9.90
C LEU A 399 -2.06 18.05 9.79
N HIS A 400 -2.62 17.10 9.04
CA HIS A 400 -4.05 17.05 8.82
C HIS A 400 -4.90 16.62 10.01
N GLU A 401 -5.95 17.40 10.26
CA GLU A 401 -6.97 17.12 11.28
C GLU A 401 -8.27 16.55 10.68
N SER A 402 -8.73 15.43 11.27
CA SER A 402 -9.59 14.46 10.61
C SER A 402 -10.93 14.20 11.31
N ASP A 403 -12.02 14.71 10.75
CA ASP A 403 -13.36 14.50 11.32
C ASP A 403 -13.82 13.05 11.12
N GLU A 404 -13.20 12.36 10.19
CA GLU A 404 -13.65 11.06 9.74
C GLU A 404 -12.53 10.07 9.98
N PRO A 405 -12.87 8.78 10.03
CA PRO A 405 -11.85 7.77 10.40
C PRO A 405 -10.84 7.61 9.29
N ARG A 406 -9.62 7.32 9.68
CA ARG A 406 -8.48 7.51 8.80
C ARG A 406 -7.56 6.36 8.87
N ALA A 407 -6.90 6.12 7.74
CA ALA A 407 -5.94 5.03 7.55
C ALA A 407 -4.60 5.70 7.33
N ASP A 408 -3.50 5.07 7.71
CA ASP A 408 -2.22 5.78 7.62
C ASP A 408 -1.04 4.89 7.23
N LEU A 409 -1.03 4.54 5.96
CA LEU A 409 -0.26 3.40 5.58
C LEU A 409 1.09 3.69 4.98
N PHE A 410 2.15 3.18 5.64
CA PHE A 410 3.50 3.05 5.03
C PHE A 410 3.97 4.40 4.55
N TYR A 411 3.96 5.40 5.41
CA TYR A 411 4.39 6.71 4.97
C TYR A 411 4.82 7.47 6.19
N LEU A 412 4.47 6.93 7.35
CA LEU A 412 4.71 7.63 8.58
C LEU A 412 6.19 7.72 8.82
N THR A 413 6.85 6.63 8.51
CA THR A 413 8.21 6.38 8.90
C THR A 413 9.18 6.77 7.82
N ASN A 414 8.77 7.67 6.94
CA ASN A 414 9.61 8.04 5.82
C ASN A 414 10.65 9.02 6.29
N ARG A 415 11.74 9.12 5.53
CA ARG A 415 12.86 9.83 6.03
C ARG A 415 12.63 11.33 5.98
N CYS A 416 11.53 11.76 5.38
CA CYS A 416 11.18 13.17 5.40
C CYS A 416 10.69 13.53 6.79
N ASN A 417 10.11 12.54 7.46
CA ASN A 417 9.37 12.72 8.70
C ASN A 417 10.21 12.64 9.95
N MET A 418 11.51 12.54 9.78
CA MET A 418 12.42 12.35 10.89
C MET A 418 12.40 13.52 11.81
N GLY A 419 12.29 13.22 13.11
CA GLY A 419 12.22 14.22 14.16
C GLY A 419 10.78 14.50 14.59
N LEU A 420 9.82 14.05 13.80
CA LEU A 420 8.45 14.41 14.07
C LEU A 420 7.72 13.22 14.70
N GLU A 421 8.47 12.41 15.46
CA GLU A 421 7.92 11.16 16.02
C GLU A 421 6.69 11.40 16.89
N PRO A 422 6.80 12.31 17.87
CA PRO A 422 5.59 12.76 18.52
C PRO A 422 4.38 12.63 17.59
N SER A 423 4.28 13.54 16.62
CA SER A 423 3.17 13.61 15.68
C SER A 423 2.84 12.28 15.11
N ILE A 424 3.88 11.49 14.87
CA ILE A 424 3.67 10.13 14.42
C ILE A 424 2.80 9.35 15.37
N TYR A 425 3.23 9.22 16.63
CA TYR A 425 2.43 8.46 17.62
C TYR A 425 1.00 9.01 17.75
N GLU A 426 0.86 10.33 17.74
CA GLU A 426 -0.42 10.94 17.98
C GLU A 426 -1.33 10.49 16.89
N VAL A 427 -0.72 10.15 15.75
CA VAL A 427 -1.50 9.65 14.63
C VAL A 427 -1.94 8.22 14.87
N MET A 428 -0.98 7.40 15.30
CA MET A 428 -1.28 6.05 15.72
C MET A 428 -2.08 5.94 17.05
N LYS A 429 -2.49 7.07 17.61
CA LYS A 429 -3.42 7.07 18.75
C LYS A 429 -4.85 7.12 18.19
N LYS A 430 -5.00 7.60 16.97
CA LYS A 430 -6.35 7.85 16.49
C LYS A 430 -6.60 7.20 15.15
N SER A 431 -5.63 6.41 14.68
CA SER A 431 -5.82 5.80 13.38
C SER A 431 -6.65 4.55 13.49
N VAL A 432 -7.49 4.32 12.47
CA VAL A 432 -8.07 3.01 12.22
C VAL A 432 -6.93 2.01 12.12
N ILE A 433 -6.01 2.28 11.18
CA ILE A 433 -4.86 1.39 10.92
C ILE A 433 -3.73 2.16 10.30
N ALA A 434 -2.56 2.08 10.90
CA ALA A 434 -1.45 2.70 10.26
C ALA A 434 -0.25 1.86 10.60
N THR A 435 0.94 2.20 10.09
CA THR A 435 2.11 1.38 10.37
C THR A 435 3.41 2.13 10.36
N ALA A 436 4.41 1.56 11.03
CA ALA A 436 5.75 2.15 11.18
C ALA A 436 6.92 1.14 11.15
N TRP A 437 7.95 1.54 10.40
CA TRP A 437 9.13 0.76 10.23
C TRP A 437 9.84 0.60 11.53
N VAL A 438 10.04 -0.65 11.93
CA VAL A 438 10.79 -0.92 13.11
C VAL A 438 12.06 -1.66 12.80
N GLY A 439 12.16 -2.15 11.57
CA GLY A 439 13.25 -3.05 11.19
C GLY A 439 14.63 -2.44 11.23
N ARG A 440 15.57 -3.14 11.87
CA ARG A 440 16.89 -2.58 12.09
C ARG A 440 17.92 -3.25 11.19
N ALA A 441 17.43 -3.91 10.15
CA ALA A 441 18.29 -4.51 9.12
C ALA A 441 18.79 -3.43 8.15
N PRO A 442 19.70 -3.79 7.22
CA PRO A 442 20.56 -2.72 6.76
C PRO A 442 20.55 -2.08 5.31
N LEU A 443 19.44 -1.54 4.75
CA LEU A 443 18.16 -2.20 4.49
C LEU A 443 17.53 -1.54 3.26
N TYR A 444 17.35 -2.36 2.24
CA TYR A 444 17.38 -1.98 0.85
C TYR A 444 16.03 -2.09 0.18
N ASP A 445 15.93 -1.43 -0.97
CA ASP A 445 14.67 -1.17 -1.69
C ASP A 445 13.71 -0.32 -0.85
N TYR A 446 13.99 -0.21 0.45
CA TYR A 446 13.14 0.58 1.34
C TYR A 446 13.89 1.73 2.06
N ASP A 447 13.29 2.93 1.99
CA ASP A 447 13.92 4.22 2.39
C ASP A 447 13.24 4.89 3.61
N ASP A 448 12.94 4.09 4.63
CA ASP A 448 12.34 4.58 5.88
C ASP A 448 13.35 4.67 7.04
N PHE A 449 12.85 4.77 8.27
CA PHE A 449 13.66 4.77 9.50
C PHE A 449 12.87 4.13 10.65
N ALA A 450 13.56 3.58 11.65
CA ALA A 450 12.90 2.73 12.63
C ALA A 450 12.58 3.37 13.99
N LEU A 451 11.34 3.23 14.41
CA LEU A 451 10.95 3.52 15.77
C LEU A 451 11.40 2.39 16.67
N PRO A 452 12.11 2.73 17.77
CA PRO A 452 12.52 1.73 18.73
C PRO A 452 11.30 0.97 19.19
N ARG A 453 11.36 -0.36 19.14
CA ARG A 453 10.18 -1.20 19.39
C ARG A 453 9.62 -0.92 20.78
N SER A 454 10.43 -1.14 21.81
CA SER A 454 10.14 -0.64 23.16
C SER A 454 9.28 0.64 23.16
N THR A 455 9.78 1.75 22.64
CA THR A 455 8.94 2.97 22.54
C THR A 455 7.61 2.75 21.83
N VAL A 456 7.63 2.00 20.75
CA VAL A 456 6.40 1.76 20.06
C VAL A 456 5.42 1.07 20.98
N MET A 457 5.86 -0.01 21.63
CA MET A 457 4.96 -0.80 22.47
C MET A 457 4.29 0.00 23.58
N LEU A 458 5.09 0.87 24.18
CA LEU A 458 4.69 1.69 25.29
C LEU A 458 3.82 2.93 24.93
N ASN A 459 4.05 3.51 23.75
CA ASN A 459 3.32 4.71 23.40
C ASN A 459 2.06 4.25 22.77
N GLY A 460 2.16 3.09 22.11
CA GLY A 460 1.16 2.65 21.15
C GLY A 460 -0.14 2.03 21.63
N SER A 461 -0.10 1.42 22.81
CA SER A 461 -1.17 0.55 23.29
C SER A 461 -2.19 1.28 24.16
N TYR A 462 -3.43 1.33 23.70
CA TYR A 462 -4.47 2.12 24.32
C TYR A 462 -5.67 1.25 24.38
N ARG A 463 -6.60 1.58 25.26
CA ARG A 463 -7.88 0.88 25.32
C ARG A 463 -8.28 0.48 23.92
N ASP A 464 -8.39 1.50 23.05
CA ASP A 464 -8.90 1.35 21.70
C ASP A 464 -7.90 0.95 20.63
N ILE A 465 -6.61 0.90 20.94
CA ILE A 465 -5.60 0.76 19.90
C ILE A 465 -4.72 -0.41 20.21
N ARG A 466 -4.75 -1.37 19.31
CA ARG A 466 -4.02 -2.62 19.40
C ARG A 466 -2.69 -2.36 18.69
N ILE A 467 -1.60 -3.00 19.07
CA ILE A 467 -0.29 -2.50 18.59
C ILE A 467 0.68 -3.61 18.21
N LEU A 468 0.43 -4.30 17.11
CA LEU A 468 1.21 -5.50 16.83
C LEU A 468 2.15 -5.33 15.68
N ASP A 469 3.28 -6.03 15.76
CA ASP A 469 4.14 -6.20 14.59
C ASP A 469 3.34 -6.74 13.39
N GLY A 470 3.85 -6.48 12.17
CA GLY A 470 3.17 -6.87 10.93
C GLY A 470 2.61 -8.27 10.93
N ASN A 471 3.44 -9.24 11.36
CA ASN A 471 2.99 -10.62 11.38
C ASN A 471 1.81 -10.83 12.32
N GLY A 472 2.02 -10.57 13.60
CA GLY A 472 0.90 -10.54 14.55
C GLY A 472 -0.33 -9.90 13.93
N ALA A 473 -0.13 -8.68 13.44
CA ALA A 473 -1.16 -7.88 12.79
C ALA A 473 -1.94 -8.72 11.80
N ILE A 474 -1.21 -9.28 10.84
CA ILE A 474 -1.75 -10.23 9.87
C ILE A 474 -2.57 -11.31 10.61
N LEU A 475 -1.87 -12.10 11.43
CA LEU A 475 -2.45 -13.18 12.15
C LEU A 475 -3.80 -12.78 12.70
N PHE A 476 -3.78 -11.65 13.37
CA PHE A 476 -4.96 -11.14 13.99
C PHE A 476 -6.09 -10.98 12.98
N LEU A 477 -5.81 -10.31 11.89
CA LEU A 477 -6.87 -10.00 10.99
C LEU A 477 -7.50 -11.26 10.44
N MET A 478 -6.73 -12.34 10.38
CA MET A 478 -7.26 -13.60 9.92
C MET A 478 -8.28 -14.02 10.93
N TRP A 479 -7.79 -14.53 12.05
CA TRP A 479 -8.58 -14.84 13.22
C TRP A 479 -9.83 -14.01 13.26
N ARG A 480 -9.69 -12.72 13.51
CA ARG A 480 -10.89 -11.89 13.72
C ARG A 480 -11.82 -11.68 12.48
N TYR A 481 -11.26 -11.32 11.33
CA TYR A 481 -12.06 -11.17 10.08
C TYR A 481 -11.50 -12.10 9.01
N PRO A 482 -11.89 -13.38 9.04
CA PRO A 482 -11.23 -14.39 8.20
C PRO A 482 -11.44 -14.11 6.71
N ASP A 483 -12.50 -13.35 6.41
CA ASP A 483 -12.69 -12.88 5.06
C ASP A 483 -12.56 -11.36 4.89
N ILE A 484 -11.49 -10.83 5.48
CA ILE A 484 -10.74 -9.76 4.86
C ILE A 484 -9.31 -10.30 4.71
N VAL A 485 -8.98 -11.32 5.50
CA VAL A 485 -7.66 -11.91 5.40
C VAL A 485 -7.75 -13.42 5.33
N LYS A 486 -7.85 -13.93 4.11
CA LYS A 486 -7.98 -15.36 3.96
C LYS A 486 -6.83 -15.96 4.69
N LYS A 487 -7.06 -17.12 5.28
CA LYS A 487 -6.01 -17.93 5.89
C LYS A 487 -4.91 -18.28 4.89
N ASP A 488 -5.32 -18.73 3.70
CA ASP A 488 -4.37 -19.20 2.69
C ASP A 488 -3.56 -18.11 1.98
N LEU A 489 -3.83 -16.85 2.30
CA LEU A 489 -3.02 -15.72 1.81
C LEU A 489 -1.54 -16.06 1.69
N THR A 490 -0.81 -15.34 0.84
CA THR A 490 0.63 -15.56 0.80
C THR A 490 1.41 -14.30 1.14
N TYR A 491 2.40 -14.42 2.04
CA TYR A 491 3.25 -13.29 2.43
C TYR A 491 4.59 -13.67 3.09
N ASP A 492 5.38 -12.68 3.49
CA ASP A 492 6.60 -12.98 4.19
C ASP A 492 6.59 -12.46 5.64
N PRO A 493 6.14 -13.29 6.62
CA PRO A 493 6.23 -12.99 8.04
C PRO A 493 7.41 -12.09 8.47
N ALA A 494 8.63 -12.49 8.11
CA ALA A 494 9.81 -11.71 8.40
C ALA A 494 9.64 -10.25 7.93
N TRP A 495 9.22 -10.06 6.69
CA TRP A 495 8.97 -8.70 6.19
C TRP A 495 7.81 -8.07 6.95
N ALA A 496 6.78 -8.87 7.21
CA ALA A 496 5.66 -8.42 7.94
C ALA A 496 6.18 -7.90 9.26
N MET A 497 7.21 -8.54 9.79
CA MET A 497 7.67 -8.18 11.12
C MET A 497 8.64 -6.98 11.24
N ASN A 498 8.94 -6.36 10.12
CA ASN A 498 9.63 -5.08 10.12
C ASN A 498 8.67 -3.97 10.40
N PHE A 499 7.40 -4.31 10.42
CA PHE A 499 6.40 -3.29 10.65
C PHE A 499 5.78 -3.31 12.00
N ALA A 500 5.55 -2.10 12.50
CA ALA A 500 4.68 -1.92 13.61
C ALA A 500 3.37 -1.55 12.96
N VAL A 501 2.28 -2.11 13.47
CA VAL A 501 0.94 -1.95 12.91
C VAL A 501 0.02 -1.68 14.06
N SER A 502 -0.94 -0.79 13.87
CA SER A 502 -1.78 -0.30 14.93
C SER A 502 -3.21 -0.16 14.43
N LEU A 503 -4.16 -0.73 15.17
CA LEU A 503 -5.55 -0.75 14.73
C LEU A 503 -6.49 -0.29 15.82
N LYS A 504 -7.40 0.63 15.46
CA LYS A 504 -8.58 1.01 16.27
C LYS A 504 -9.42 -0.25 16.36
N GLU A 505 -9.32 -0.89 17.51
CA GLU A 505 -9.63 -2.31 17.69
C GLU A 505 -9.57 -2.77 19.17
N PRO A 506 -10.74 -3.07 19.74
CA PRO A 506 -10.85 -3.51 21.12
C PRO A 506 -10.11 -4.82 21.40
N ILE A 507 -9.64 -4.96 22.64
CA ILE A 507 -9.15 -6.23 23.15
C ILE A 507 -10.26 -7.26 23.08
N PRO A 508 -9.91 -8.51 22.73
CA PRO A 508 -10.93 -9.57 22.76
C PRO A 508 -11.54 -9.85 24.14
N ASP A 509 -12.75 -10.41 24.10
CA ASP A 509 -13.44 -10.84 25.28
C ASP A 509 -13.78 -12.30 25.04
N PRO A 510 -12.99 -13.22 25.63
CA PRO A 510 -11.99 -13.04 26.67
C PRO A 510 -10.64 -12.60 26.11
N PRO A 511 -9.74 -12.03 26.95
CA PRO A 511 -8.44 -11.68 26.46
C PRO A 511 -7.62 -12.93 26.24
N VAL A 512 -8.15 -13.88 25.49
CA VAL A 512 -7.45 -15.12 25.15
C VAL A 512 -6.10 -14.87 24.45
N PRO A 513 -5.00 -15.40 25.02
CA PRO A 513 -3.64 -15.22 24.54
C PRO A 513 -3.29 -15.88 23.19
N ASP A 514 -4.00 -15.46 22.13
CA ASP A 514 -3.83 -16.01 20.77
C ASP A 514 -2.43 -15.73 20.18
N ILE A 515 -2.11 -16.36 19.05
CA ILE A 515 -0.78 -16.18 18.42
C ILE A 515 -0.52 -14.77 17.86
N SER A 516 -1.57 -14.13 17.34
CA SER A 516 -1.43 -12.77 16.88
C SER A 516 -0.81 -11.94 18.00
N LEU A 517 -1.11 -12.32 19.24
CA LEU A 517 -0.53 -11.69 20.43
C LEU A 517 0.80 -12.31 20.85
N CYS A 518 0.78 -13.58 21.22
CA CYS A 518 2.00 -14.17 21.79
C CYS A 518 2.74 -15.08 20.81
N ARG A 519 3.91 -14.63 20.42
CA ARG A 519 4.85 -15.42 19.62
C ARG A 519 6.22 -15.45 20.29
N PHE A 520 6.69 -14.28 20.69
CA PHE A 520 7.95 -14.10 21.41
C PHE A 520 9.03 -15.09 21.05
N ILE A 521 9.24 -15.29 19.75
CA ILE A 521 10.29 -16.17 19.23
C ILE A 521 11.72 -15.75 19.60
N GLY A 522 12.48 -16.68 20.18
CA GLY A 522 13.91 -16.48 20.47
C GLY A 522 14.17 -15.77 21.78
N LEU A 523 13.10 -15.46 22.50
CA LEU A 523 13.20 -14.77 23.75
C LEU A 523 14.28 -15.36 24.63
N ARG A 524 14.60 -16.63 24.41
CA ARG A 524 15.65 -17.24 25.19
C ARG A 524 17.02 -16.71 24.82
N VAL A 525 17.35 -16.80 23.54
CA VAL A 525 18.61 -16.27 23.02
C VAL A 525 18.58 -14.77 23.30
N GLU A 526 17.43 -14.14 23.05
CA GLU A 526 17.27 -12.72 23.29
C GLU A 526 17.53 -12.28 24.72
N SER A 527 17.28 -13.17 25.68
CA SER A 527 17.51 -12.84 27.07
C SER A 527 18.98 -13.03 27.43
N SER A 528 19.62 -14.06 26.90
CA SER A 528 21.00 -14.31 27.27
C SER A 528 21.89 -13.13 26.86
N VAL A 529 21.76 -12.75 25.58
CA VAL A 529 22.44 -11.60 25.03
C VAL A 529 22.27 -10.42 25.94
N LEU A 530 21.02 -10.13 26.26
CA LEU A 530 20.73 -9.06 27.16
C LEU A 530 21.70 -9.07 28.33
N ARG A 531 21.87 -10.23 28.94
CA ARG A 531 22.62 -10.36 30.17
C ARG A 531 24.14 -10.33 29.97
N VAL A 532 24.57 -10.66 28.75
CA VAL A 532 26.00 -10.76 28.47
C VAL A 532 26.54 -9.46 27.90
N ARG A 533 25.65 -8.72 27.25
CA ARG A 533 25.96 -7.43 26.66
C ARG A 533 25.76 -6.30 27.67
N ASN A 534 24.50 -5.99 27.99
CA ASN A 534 24.12 -4.92 28.93
C ASN A 534 23.23 -5.48 30.09
N PRO A 535 23.87 -6.06 31.12
CA PRO A 535 23.29 -6.85 32.23
C PRO A 535 22.35 -6.13 33.21
N THR A 536 22.51 -6.40 34.51
CA THR A 536 21.61 -5.91 35.60
C THR A 536 21.88 -6.62 36.96
N ASP A 550 9.21 -16.17 36.04
CA ASP A 550 10.13 -15.35 35.27
C ASP A 550 9.29 -14.46 34.42
N LEU A 551 8.05 -14.29 34.85
CA LEU A 551 7.10 -13.47 34.14
C LEU A 551 7.51 -12.00 34.14
N SER A 552 8.08 -11.53 35.26
CA SER A 552 8.73 -10.22 35.33
C SER A 552 9.88 -10.18 34.31
N GLY A 553 10.90 -11.01 34.57
CA GLY A 553 12.01 -11.25 33.65
C GLY A 553 11.57 -11.24 32.19
N HIS A 554 10.46 -11.91 31.90
CA HIS A 554 9.94 -12.05 30.54
C HIS A 554 9.65 -10.72 29.88
N LEU A 555 8.88 -9.91 30.61
CA LEU A 555 8.36 -8.65 30.08
C LEU A 555 9.44 -7.59 30.00
N TYR A 556 10.36 -7.61 30.96
CA TYR A 556 11.55 -6.77 30.89
C TYR A 556 12.31 -7.10 29.62
N VAL A 557 12.65 -8.36 29.43
CA VAL A 557 13.34 -8.75 28.20
C VAL A 557 12.50 -8.29 27.02
N THR A 558 11.21 -8.63 26.96
CA THR A 558 10.48 -8.29 25.72
C THR A 558 10.71 -6.84 25.29
N LEU A 559 10.90 -5.96 26.27
CA LEU A 559 11.14 -4.53 26.03
C LEU A 559 12.59 -4.14 25.85
N MET A 560 13.39 -4.59 26.82
CA MET A 560 14.75 -4.16 26.90
C MET A 560 15.40 -4.54 25.60
N SER A 561 14.85 -5.56 24.92
CA SER A 561 15.37 -6.15 23.63
C SER A 561 15.14 -5.34 22.36
N GLY A 562 13.95 -4.75 22.25
CA GLY A 562 13.58 -4.08 21.03
C GLY A 562 13.51 -5.03 19.85
N ALA A 563 13.46 -6.33 20.14
CA ALA A 563 13.20 -7.35 19.12
C ALA A 563 11.68 -7.61 18.92
N TYR A 564 10.81 -7.08 19.78
CA TYR A 564 9.40 -7.45 19.67
C TYR A 564 8.48 -6.27 19.81
N VAL A 565 7.36 -6.37 19.10
CA VAL A 565 6.30 -5.41 19.23
C VAL A 565 5.00 -6.15 19.48
N THR A 566 4.59 -6.21 20.75
CA THR A 566 3.25 -6.68 20.98
C THR A 566 2.38 -5.69 21.77
N ASP A 567 1.09 -6.01 21.87
CA ASP A 567 0.15 -5.11 22.48
C ASP A 567 0.05 -5.35 23.97
N LEU A 568 0.88 -4.62 24.70
CA LEU A 568 0.94 -4.63 26.18
C LEU A 568 -0.41 -4.72 26.87
N PHE A 569 -1.25 -3.74 26.59
CA PHE A 569 -2.54 -3.62 27.26
C PHE A 569 -3.32 -4.93 27.25
N TRP A 570 -3.49 -5.50 26.07
CA TRP A 570 -4.21 -6.74 25.94
C TRP A 570 -3.40 -7.83 26.63
N TRP A 571 -2.13 -7.86 26.31
CA TRP A 571 -1.26 -8.78 26.99
C TRP A 571 -1.52 -8.68 28.47
N PHE A 572 -1.53 -7.47 29.03
CA PHE A 572 -1.83 -7.34 30.44
C PHE A 572 -3.16 -7.97 30.74
N LYS A 573 -4.23 -7.41 30.19
CA LYS A 573 -5.57 -7.86 30.53
C LYS A 573 -5.68 -9.39 30.48
N MET A 574 -4.96 -10.02 29.54
CA MET A 574 -4.95 -11.47 29.47
C MET A 574 -4.18 -12.12 30.61
N ILE A 575 -3.02 -11.57 30.93
CA ILE A 575 -2.15 -12.16 31.95
C ILE A 575 -2.80 -12.25 33.32
N LEU A 576 -3.71 -11.32 33.61
CA LEU A 576 -4.19 -11.12 34.96
C LEU A 576 -5.61 -11.55 35.05
N ASP A 577 -6.46 -10.81 34.36
CA ASP A 577 -7.87 -11.10 34.26
C ASP A 577 -8.08 -12.48 33.67
N TRP A 578 -6.99 -13.20 33.38
CA TRP A 578 -7.15 -14.44 32.65
C TRP A 578 -6.33 -15.70 32.96
N SER A 579 -5.10 -15.60 33.49
CA SER A 579 -4.23 -16.81 33.58
C SER A 579 -3.24 -16.95 34.76
N ALA A 580 -3.61 -17.67 35.83
CA ALA A 580 -4.87 -18.35 36.00
C ALA A 580 -5.81 -17.28 36.55
N GLN A 581 -7.14 -17.46 36.59
CA GLN A 581 -7.98 -18.49 35.93
C GLN A 581 -7.69 -19.99 35.98
N ASN A 582 -7.87 -20.69 34.86
CA ASN A 582 -8.18 -22.12 34.96
C ASN A 582 -7.57 -23.13 33.98
N ARG A 583 -7.19 -24.30 34.48
CA ARG A 583 -6.78 -25.40 33.62
C ARG A 583 -7.93 -25.73 32.67
N GLU A 584 -9.15 -25.74 33.22
CA GLU A 584 -10.36 -26.04 32.49
C GLU A 584 -10.95 -24.80 31.81
N GLN A 585 -11.52 -23.90 32.62
CA GLN A 585 -12.26 -22.72 32.15
C GLN A 585 -11.41 -21.69 31.47
N LYS A 586 -10.17 -22.08 31.13
CA LYS A 586 -9.36 -21.29 30.21
C LYS A 586 -9.03 -22.05 28.94
N LEU A 587 -9.92 -22.96 28.50
CA LEU A 587 -9.71 -23.64 27.20
C LEU A 587 -10.72 -24.65 26.60
N ARG A 588 -12.01 -24.70 26.95
CA ARG A 588 -12.90 -23.56 27.21
C ARG A 588 -12.60 -22.30 26.43
N ASP A 589 -12.56 -21.16 27.10
CA ASP A 589 -12.72 -19.86 26.43
C ASP A 589 -11.73 -19.57 25.27
N LEU A 590 -10.80 -20.49 25.07
CA LEU A 590 -9.97 -20.52 23.89
C LEU A 590 -10.81 -20.97 22.69
N LYS A 591 -11.56 -22.04 22.87
CA LYS A 591 -12.03 -22.93 21.80
C LYS A 591 -12.68 -22.44 20.47
N ARG A 592 -13.86 -21.80 20.39
CA ARG A 592 -14.64 -20.96 21.32
C ARG A 592 -14.31 -19.51 20.93
N SER A 593 -13.03 -19.17 21.03
CA SER A 593 -12.55 -17.92 20.48
C SER A 593 -11.66 -18.22 19.28
N ALA A 594 -11.90 -19.36 18.64
CA ALA A 594 -11.17 -19.76 17.43
C ALA A 594 -9.66 -19.56 17.52
N ALA A 595 -9.16 -19.43 18.75
CA ALA A 595 -7.80 -18.94 19.00
C ALA A 595 -6.78 -20.04 18.96
N GLU A 596 -5.50 -19.67 18.83
CA GLU A 596 -4.41 -20.65 18.98
C GLU A 596 -3.09 -20.06 19.49
N VAL A 597 -2.20 -20.94 19.94
CA VAL A 597 -1.05 -20.60 20.78
C VAL A 597 0.28 -21.30 20.37
N ILE A 598 1.43 -20.84 20.90
CA ILE A 598 2.67 -21.65 20.82
C ILE A 598 3.39 -21.96 22.14
N GLU A 599 2.81 -21.60 23.27
CA GLU A 599 3.50 -21.84 24.52
C GLU A 599 2.50 -22.30 25.55
N TRP A 600 2.70 -23.51 26.05
CA TRP A 600 1.81 -23.99 27.08
C TRP A 600 2.43 -23.97 28.48
N VAL A 611 0.59 -11.35 41.31
CA VAL A 611 1.54 -11.17 40.22
C VAL A 611 1.63 -9.74 39.70
N ARG A 612 0.61 -8.94 40.04
CA ARG A 612 0.55 -7.50 39.73
C ARG A 612 1.90 -6.77 39.86
N ASN A 613 2.79 -7.35 40.67
CA ASN A 613 3.96 -6.62 41.15
C ASN A 613 5.18 -6.83 40.28
N ASP A 614 5.58 -8.09 40.11
CA ASP A 614 6.77 -8.39 39.32
C ASP A 614 6.77 -7.47 38.09
N LEU A 615 5.59 -7.29 37.49
CA LEU A 615 5.41 -6.38 36.37
C LEU A 615 5.88 -4.93 36.66
N ILE A 616 5.40 -4.34 37.75
CA ILE A 616 5.81 -2.97 38.11
C ILE A 616 7.30 -2.88 38.39
N ALA A 617 7.89 -3.96 38.91
CA ALA A 617 9.34 -4.02 39.11
C ALA A 617 9.97 -4.08 37.73
N ALA A 618 9.28 -4.77 36.81
CA ALA A 618 9.72 -4.91 35.44
C ALA A 618 9.82 -3.50 34.93
N LEU A 619 8.66 -2.87 34.83
CA LEU A 619 8.53 -1.49 34.45
C LEU A 619 9.57 -0.59 35.02
N ARG A 620 9.64 -0.54 36.35
CA ARG A 620 10.54 0.34 37.08
C ARG A 620 11.94 0.14 36.55
N GLU A 621 12.45 -1.07 36.73
CA GLU A 621 13.79 -1.47 36.28
C GLU A 621 14.08 -0.93 34.88
N TYR A 622 13.11 -1.13 34.00
CA TYR A 622 13.25 -0.77 32.61
C TYR A 622 13.68 0.68 32.50
N LYS A 623 12.85 1.58 33.03
CA LYS A 623 13.15 3.03 32.97
C LYS A 623 14.26 3.45 33.94
N ARG A 624 14.64 2.54 34.84
CA ARG A 624 15.81 2.75 35.64
C ARG A 624 16.96 2.89 34.64
N LYS A 625 16.89 2.14 33.56
CA LYS A 625 17.95 2.15 32.57
C LYS A 625 17.76 3.27 31.57
N MET A 626 16.57 3.84 31.54
CA MET A 626 16.22 4.85 30.54
C MET A 626 15.08 5.80 30.95
N GLY A 627 15.40 6.65 31.93
CA GLY A 627 14.74 7.93 32.01
C GLY A 627 15.23 8.56 30.73
N MET A 628 14.59 9.64 30.33
CA MET A 628 15.10 10.43 29.21
C MET A 628 14.73 9.87 27.84
N ARG A 629 15.38 8.78 27.43
CA ARG A 629 15.12 8.12 26.13
C ARG A 629 13.75 7.37 26.16
N GLU A 630 12.71 8.10 26.59
CA GLU A 630 11.42 7.57 27.04
C GLU A 630 10.91 8.40 28.25
N GLY A 631 9.87 7.90 28.92
CA GLY A 631 9.08 6.78 28.37
C GLY A 631 7.63 6.99 28.77
N ALA A 632 7.30 8.26 29.05
CA ALA A 632 6.45 8.62 30.19
C ALA A 632 6.43 7.63 31.36
N SER A 633 5.72 6.49 31.32
CA SER A 633 4.60 6.05 30.48
C SER A 633 4.63 4.59 30.01
N ILE A 634 5.46 3.68 30.56
CA ILE A 634 6.06 3.68 31.90
C ILE A 634 5.11 4.09 33.02
N ASP A 635 5.22 5.33 33.47
CA ASP A 635 4.25 5.92 34.37
C ASP A 635 2.87 5.47 33.96
N SER A 636 2.36 6.04 32.87
CA SER A 636 1.06 5.66 32.35
C SER A 636 0.73 4.20 32.63
N TRP A 637 1.66 3.30 32.33
CA TRP A 637 1.41 1.87 32.52
C TRP A 637 1.41 1.50 33.99
N LEU A 638 2.57 1.59 34.64
CA LEU A 638 2.67 1.43 36.09
C LEU A 638 1.38 1.86 36.78
N GLU A 639 1.03 3.13 36.60
CA GLU A 639 -0.12 3.77 37.24
C GLU A 639 -1.47 3.21 36.78
N LEU A 640 -1.41 2.07 36.09
CA LEU A 640 -2.58 1.29 35.74
C LEU A 640 -2.45 -0.11 36.28
N LEU A 641 -1.27 -0.41 36.81
CA LEU A 641 -1.13 -1.62 37.58
C LEU A 641 -1.63 -1.29 38.99
N ARG A 642 -0.82 -0.57 39.78
CA ARG A 642 -1.25 -0.15 41.13
C ARG A 642 -2.30 0.97 41.06
N HIS A 643 -3.18 0.84 40.08
CA HIS A 643 -4.46 1.52 40.04
C HIS A 643 -5.33 0.66 39.13
N LEU A 644 -4.94 -0.62 39.03
CA LEU A 644 -5.50 -1.61 38.09
C LEU A 644 -6.96 -1.37 37.69
#